data_1W7K
#
_entry.id   1W7K
#
_cell.length_a   66.112
_cell.length_b   81.602
_cell.length_c   93.673
_cell.angle_alpha   90.00
_cell.angle_beta   90.00
_cell.angle_gamma   90.00
#
_symmetry.space_group_name_H-M   'P 21 21 21'
#
loop_
_entity.id
_entity.type
_entity.pdbx_description
1 polymer 'FOLC BIFUNCTIONAL PROTEIN'
2 non-polymer "ADENOSINE-5'-DIPHOSPHATE"
3 non-polymer 'SULFATE ION'
4 non-polymer 'MAGNESIUM ION'
5 water water
#
_entity_poly.entity_id   1
_entity_poly.type   'polypeptide(L)'
_entity_poly.pdbx_seq_one_letter_code
;MIIKRTPQAASPLASWLSYLENLHSKTIDLGLERVSLVAARLGVLKPAPFVFTVAGTNGKGTTCRTLESILMAAGYKVGV
YSSPHLVRYTERVRVQGQELPESAHTASFAEIESARGDISLTYFEYGTLSALWLFKQAQLDVVILEVGLGGRLDATNIVD
ADVAVVTSIALDHTDWLGPDRESIGRE(KCX)AGIFRSEKPAIVGEPEMPSTIADVAQEKGALLQRRGVEWNYSVTDHDW
AFSDAHGTLENLPLPLVPQPNAATALAALRASGLEVSENAIRDGIASAILPGRFQIVSESPRVIFDVAHNPHAAEYLTGR
MKALPKNGRVLAVIGMLHDKDIAGTLAWLKSVVDDWYCAPLEGPRGATAEQLLEHLGNGKSFDSVAQAWDAAMADAKAED
TVLVCGSFHTVAHVMEVIDARRSGGK
;
_entity_poly.pdbx_strand_id   A
#
loop_
_chem_comp.id
_chem_comp.type
_chem_comp.name
_chem_comp.formula
ADP non-polymer ADENOSINE-5'-DIPHOSPHATE 'C10 H15 N5 O10 P2'
MG non-polymer 'MAGNESIUM ION' 'Mg 2'
SO4 non-polymer 'SULFATE ION' 'O4 S -2'
#
# COMPACT_ATOMS: atom_id res chain seq x y z
N THR A 6 -17.05 -20.52 17.77
CA THR A 6 -16.42 -19.22 18.06
C THR A 6 -15.08 -19.44 18.73
N PRO A 7 -14.03 -18.92 18.11
CA PRO A 7 -12.69 -19.05 18.69
C PRO A 7 -12.63 -18.25 19.97
N GLN A 8 -11.56 -18.44 20.73
CA GLN A 8 -11.34 -17.76 22.00
C GLN A 8 -9.93 -17.19 21.94
N ALA A 9 -9.50 -16.51 23.00
CA ALA A 9 -8.18 -15.91 23.03
C ALA A 9 -7.03 -16.90 22.91
N ALA A 10 -7.30 -18.17 23.25
CA ALA A 10 -6.29 -19.24 23.24
C ALA A 10 -6.26 -20.01 21.92
N SER A 11 -7.27 -19.79 21.08
CA SER A 11 -7.35 -20.43 19.78
C SER A 11 -6.16 -19.95 18.94
N PRO A 12 -5.73 -20.78 18.00
CA PRO A 12 -4.64 -20.39 17.12
C PRO A 12 -5.16 -19.35 16.12
N LEU A 13 -4.28 -18.43 15.74
CA LEU A 13 -4.64 -17.37 14.81
C LEU A 13 -5.39 -17.86 13.58
N ALA A 14 -4.95 -19.00 13.06
CA ALA A 14 -5.55 -19.59 11.86
C ALA A 14 -7.03 -19.87 12.05
N SER A 15 -7.40 -20.23 13.27
CA SER A 15 -8.81 -20.50 13.56
C SER A 15 -9.60 -19.19 13.62
N TRP A 16 -8.92 -18.10 13.98
CA TRP A 16 -9.57 -16.79 14.04
C TRP A 16 -9.86 -16.25 12.65
N LEU A 17 -8.86 -16.30 11.77
CA LEU A 17 -8.97 -15.81 10.39
C LEU A 17 -10.00 -16.60 9.58
N SER A 18 -10.07 -17.91 9.83
CA SER A 18 -11.04 -18.77 9.16
C SER A 18 -12.45 -18.40 9.62
N TYR A 19 -12.58 -18.13 10.92
CA TYR A 19 -13.86 -17.73 11.51
C TYR A 19 -14.27 -16.37 10.94
N LEU A 20 -13.32 -15.44 10.84
CA LEU A 20 -13.55 -14.10 10.27
C LEU A 20 -13.90 -14.12 8.78
N GLU A 21 -13.35 -15.08 8.04
CA GLU A 21 -13.61 -15.17 6.61
C GLU A 21 -14.97 -15.75 6.24
N ASN A 22 -15.55 -16.52 7.14
CA ASN A 22 -16.82 -17.17 6.85
C ASN A 22 -18.13 -16.40 7.11
N LEU A 23 -18.03 -15.11 7.41
CA LEU A 23 -19.24 -14.31 7.64
C LEU A 23 -19.93 -13.89 6.34
N ILE A 28 -25.33 -6.15 8.24
CA ILE A 28 -25.56 -5.36 7.03
C ILE A 28 -25.46 -3.85 7.27
N ASP A 29 -26.24 -3.07 6.52
CA ASP A 29 -26.26 -1.61 6.63
C ASP A 29 -24.88 -0.96 6.63
N LEU A 30 -24.44 -0.60 5.44
CA LEU A 30 -23.15 0.06 5.28
C LEU A 30 -23.14 1.35 6.10
N GLY A 31 -22.04 2.08 6.04
CA GLY A 31 -21.92 3.27 6.85
C GLY A 31 -21.09 2.79 8.04
N LEU A 32 -20.44 3.72 8.71
CA LEU A 32 -19.56 3.42 9.84
C LEU A 32 -20.20 3.25 11.21
N GLU A 33 -21.52 3.25 11.28
CA GLU A 33 -22.14 3.17 12.59
C GLU A 33 -21.77 1.98 13.44
N ARG A 34 -22.02 0.78 12.94
CA ARG A 34 -21.74 -0.40 13.74
C ARG A 34 -20.29 -0.47 14.19
N VAL A 35 -19.37 -0.26 13.27
CA VAL A 35 -17.95 -0.30 13.63
C VAL A 35 -17.58 0.84 14.60
N SER A 36 -18.24 1.98 14.47
CA SER A 36 -18.00 3.12 15.35
C SER A 36 -18.50 2.84 16.78
N LEU A 37 -19.64 2.17 16.88
CA LEU A 37 -20.23 1.82 18.19
C LEU A 37 -19.38 0.80 18.93
N VAL A 38 -18.78 -0.13 18.21
CA VAL A 38 -17.92 -1.11 18.88
C VAL A 38 -16.61 -0.43 19.27
N ALA A 39 -16.08 0.41 18.39
CA ALA A 39 -14.85 1.16 18.68
C ALA A 39 -15.01 2.07 19.90
N ALA A 40 -16.21 2.60 20.10
CA ALA A 40 -16.47 3.48 21.25
C ALA A 40 -16.46 2.67 22.56
N ARG A 41 -17.08 1.49 22.53
CA ARG A 41 -17.04 0.61 23.69
C ARG A 41 -15.58 0.23 24.05
N LEU A 42 -14.74 0.01 23.02
CA LEU A 42 -13.35 -0.38 23.20
C LEU A 42 -12.40 0.77 23.51
N GLY A 43 -12.86 2.00 23.32
CA GLY A 43 -12.04 3.19 23.59
C GLY A 43 -10.80 3.32 22.71
N VAL A 44 -10.90 2.90 21.46
CA VAL A 44 -9.80 2.95 20.49
C VAL A 44 -9.97 3.97 19.37
N LEU A 45 -10.89 4.92 19.52
CA LEU A 45 -11.13 5.93 18.49
C LEU A 45 -9.99 6.91 18.23
N LYS A 46 -9.07 7.01 19.19
CA LYS A 46 -7.88 7.87 19.04
C LYS A 46 -6.73 7.00 19.48
N PRO A 47 -6.16 6.24 18.54
CA PRO A 47 -5.10 5.28 18.84
C PRO A 47 -3.76 5.83 19.32
N ALA A 48 -3.49 7.09 19.06
CA ALA A 48 -2.26 7.73 19.50
C ALA A 48 -2.48 9.22 19.46
N PRO A 49 -1.63 9.99 20.14
CA PRO A 49 -1.72 11.45 20.19
C PRO A 49 -1.59 12.12 18.83
N PHE A 50 -0.92 11.46 17.90
CA PHE A 50 -0.78 12.00 16.56
C PHE A 50 -1.04 10.89 15.57
N VAL A 51 -1.94 11.15 14.62
CA VAL A 51 -2.30 10.19 13.60
C VAL A 51 -2.17 10.75 12.18
N PHE A 52 -1.60 9.96 11.28
CA PHE A 52 -1.53 10.29 9.85
C PHE A 52 -2.47 9.23 9.25
N THR A 53 -3.34 9.63 8.32
CA THR A 53 -4.23 8.70 7.63
C THR A 53 -3.89 8.89 6.16
N VAL A 54 -3.61 7.79 5.46
CA VAL A 54 -3.19 7.87 4.08
C VAL A 54 -4.11 7.15 3.11
N ALA A 55 -4.66 7.92 2.18
CA ALA A 55 -5.54 7.40 1.16
C ALA A 55 -4.93 7.63 -0.22
N GLY A 56 -5.52 7.02 -1.24
CA GLY A 56 -5.02 7.19 -2.60
C GLY A 56 -5.24 5.92 -3.40
N THR A 57 -5.13 6.01 -4.71
CA THR A 57 -5.32 4.84 -5.54
C THR A 57 -4.11 3.93 -5.46
N ASN A 58 -2.92 4.53 -5.60
CA ASN A 58 -1.64 3.81 -5.51
C ASN A 58 -0.64 4.59 -4.68
N GLY A 59 0.29 3.86 -4.06
CA GLY A 59 1.36 4.44 -3.26
C GLY A 59 1.07 4.68 -1.79
N LYS A 60 0.00 4.09 -1.27
CA LYS A 60 -0.35 4.28 0.13
C LYS A 60 0.66 3.58 1.03
N GLY A 61 0.92 2.31 0.72
CA GLY A 61 1.88 1.50 1.48
C GLY A 61 3.28 2.13 1.60
N THR A 62 3.86 2.59 0.49
CA THR A 62 5.20 3.19 0.53
C THR A 62 5.28 4.57 1.15
N THR A 63 4.22 5.34 1.02
CA THR A 63 4.16 6.68 1.62
C THR A 63 4.13 6.44 3.12
N CYS A 64 3.36 5.44 3.55
CA CYS A 64 3.27 5.10 4.97
C CYS A 64 4.65 4.62 5.47
N ARG A 65 5.31 3.77 4.69
CA ARG A 65 6.61 3.23 5.08
C ARG A 65 7.66 4.34 5.21
N THR A 66 7.59 5.36 4.36
CA THR A 66 8.54 6.45 4.43
C THR A 66 8.30 7.24 5.69
N LEU A 67 7.03 7.51 5.97
CA LEU A 67 6.72 8.26 7.15
C LEU A 67 7.23 7.50 8.37
N GLU A 68 6.97 6.20 8.42
CA GLU A 68 7.43 5.38 9.53
C GLU A 68 8.97 5.39 9.69
N SER A 69 9.69 5.29 8.57
CA SER A 69 11.15 5.29 8.60
C SER A 69 11.68 6.58 9.15
N ILE A 70 11.17 7.69 8.67
CA ILE A 70 11.65 8.98 9.16
C ILE A 70 11.35 9.20 10.65
N LEU A 71 10.12 8.91 11.06
CA LEU A 71 9.72 9.11 12.45
C LEU A 71 10.48 8.20 13.44
N MET A 72 10.85 7.01 12.98
CA MET A 72 11.60 6.12 13.84
C MET A 72 13.02 6.68 14.01
N ALA A 73 13.59 7.22 12.94
CA ALA A 73 14.93 7.78 13.03
C ALA A 73 14.84 9.01 13.91
N ALA A 74 13.69 9.67 13.90
CA ALA A 74 13.53 10.86 14.72
C ALA A 74 13.25 10.57 16.21
N GLY A 75 13.11 9.29 16.56
CA GLY A 75 12.91 8.90 17.95
C GLY A 75 11.48 8.67 18.42
N TYR A 76 10.51 8.76 17.52
CA TYR A 76 9.12 8.53 17.92
C TYR A 76 8.82 7.05 17.97
N LYS A 77 7.85 6.67 18.81
CA LYS A 77 7.36 5.30 18.90
C LYS A 77 6.21 5.28 17.88
N VAL A 78 6.40 4.51 16.81
CA VAL A 78 5.46 4.45 15.68
C VAL A 78 4.73 3.12 15.47
N GLY A 79 3.48 3.21 15.05
CA GLY A 79 2.68 2.02 14.76
C GLY A 79 2.14 2.23 13.35
N VAL A 80 2.17 1.17 12.53
CA VAL A 80 1.65 1.29 11.18
C VAL A 80 0.61 0.20 10.85
N TYR A 81 -0.54 0.62 10.29
CA TYR A 81 -1.60 -0.31 9.88
C TYR A 81 -1.44 -0.40 8.38
N SER A 82 -1.41 -1.62 7.83
CA SER A 82 -1.23 -1.75 6.39
C SER A 82 -2.02 -2.89 5.74
N SER A 83 -2.24 -2.75 4.44
CA SER A 83 -2.98 -3.76 3.71
C SER A 83 -2.75 -3.59 2.20
N PRO A 84 -2.84 -4.70 1.48
CA PRO A 84 -3.10 -5.99 2.09
C PRO A 84 -1.75 -6.56 2.48
N HIS A 85 -1.70 -7.85 2.81
CA HIS A 85 -0.43 -8.48 3.18
C HIS A 85 0.09 -9.41 2.08
N LEU A 86 1.41 -9.57 1.99
CA LEU A 86 2.03 -10.45 0.98
C LEU A 86 1.89 -11.93 1.36
N VAL A 87 2.43 -12.32 2.50
CA VAL A 87 2.33 -13.73 2.92
C VAL A 87 1.52 -14.03 4.17
N ARG A 88 1.89 -13.38 5.27
CA ARG A 88 1.24 -13.62 6.53
C ARG A 88 0.40 -12.45 7.02
N TYR A 89 -0.74 -12.77 7.61
CA TYR A 89 -1.65 -11.76 8.11
C TYR A 89 -1.00 -10.73 9.02
N THR A 90 -0.06 -11.18 9.85
CA THR A 90 0.63 -10.31 10.82
C THR A 90 1.47 -9.16 10.25
N GLU A 91 1.66 -9.14 8.93
CA GLU A 91 2.41 -8.07 8.27
C GLU A 91 1.60 -6.76 8.37
N ARG A 92 0.29 -6.91 8.58
CA ARG A 92 -0.64 -5.77 8.65
C ARG A 92 -0.48 -4.79 9.81
N VAL A 93 0.08 -5.23 10.93
CA VAL A 93 0.27 -4.35 12.08
C VAL A 93 1.73 -4.30 12.52
N ARG A 94 2.37 -3.15 12.33
CA ARG A 94 3.76 -3.00 12.73
C ARG A 94 3.88 -1.99 13.88
N VAL A 95 4.76 -2.28 14.84
CA VAL A 95 5.10 -1.38 15.96
C VAL A 95 6.64 -1.32 15.96
N GLN A 96 7.19 -0.12 15.78
CA GLN A 96 8.65 0.07 15.71
C GLN A 96 9.23 -0.76 14.56
N GLY A 97 8.50 -0.81 13.45
CA GLY A 97 8.96 -1.54 12.28
C GLY A 97 8.86 -3.06 12.40
N GLN A 98 8.34 -3.55 13.51
CA GLN A 98 8.26 -5.00 13.68
C GLN A 98 6.86 -5.53 13.81
N GLU A 99 6.70 -6.81 13.51
CA GLU A 99 5.40 -7.47 13.67
C GLU A 99 5.15 -7.86 15.13
N LEU A 100 3.89 -8.07 15.49
CA LEU A 100 3.53 -8.44 16.87
C LEU A 100 3.23 -9.92 16.95
N PRO A 101 3.39 -10.47 18.14
CA PRO A 101 3.12 -11.90 18.39
C PRO A 101 1.71 -12.29 17.94
N GLU A 102 1.58 -13.51 17.44
CA GLU A 102 0.30 -14.03 16.97
C GLU A 102 -0.74 -14.07 18.10
N SER A 103 -0.25 -14.27 19.32
CA SER A 103 -1.12 -14.35 20.49
C SER A 103 -1.66 -12.97 20.85
N ALA A 104 -0.95 -11.94 20.40
CA ALA A 104 -1.38 -10.55 20.64
C ALA A 104 -2.60 -10.32 19.77
N HIS A 105 -2.52 -10.77 18.52
CA HIS A 105 -3.61 -10.67 17.56
C HIS A 105 -4.85 -11.49 18.01
N THR A 106 -4.65 -12.70 18.53
CA THR A 106 -5.79 -13.52 18.97
C THR A 106 -6.46 -12.92 20.24
N ALA A 107 -5.66 -12.32 21.11
CA ALA A 107 -6.22 -11.70 22.31
C ALA A 107 -7.10 -10.51 21.93
N SER A 108 -6.63 -9.68 21.00
CA SER A 108 -7.38 -8.51 20.52
C SER A 108 -8.66 -8.96 19.85
N PHE A 109 -8.62 -10.09 19.16
CA PHE A 109 -9.82 -10.61 18.51
C PHE A 109 -10.84 -11.01 19.58
N ALA A 110 -10.41 -11.69 20.64
CA ALA A 110 -11.32 -12.09 21.73
C ALA A 110 -11.94 -10.87 22.42
N GLU A 111 -11.15 -9.81 22.52
CA GLU A 111 -11.62 -8.56 23.11
C GLU A 111 -12.69 -7.92 22.22
N ILE A 112 -12.47 -7.93 20.91
CA ILE A 112 -13.45 -7.36 20.01
C ILE A 112 -14.72 -8.22 19.99
N GLU A 113 -14.54 -9.54 19.98
CA GLU A 113 -15.68 -10.47 19.98
C GLU A 113 -16.61 -10.28 21.18
N SER A 114 -16.04 -10.08 22.38
CA SER A 114 -16.91 -9.86 23.53
C SER A 114 -17.51 -8.45 23.51
N ALA A 115 -16.69 -7.44 23.18
CA ALA A 115 -17.17 -6.07 23.12
C ALA A 115 -18.28 -5.79 22.11
N ARG A 116 -18.31 -6.49 20.98
CA ARG A 116 -19.33 -6.23 19.97
C ARG A 116 -20.78 -6.58 20.39
N GLY A 117 -20.89 -7.44 21.39
CA GLY A 117 -22.21 -7.86 21.87
C GLY A 117 -22.95 -8.53 20.72
N ASP A 118 -24.11 -8.00 20.38
CA ASP A 118 -24.90 -8.54 19.28
C ASP A 118 -24.76 -7.70 18.00
N ILE A 119 -23.75 -6.85 17.97
CA ILE A 119 -23.46 -6.02 16.81
C ILE A 119 -22.56 -6.82 15.86
N SER A 120 -22.96 -6.91 14.61
CA SER A 120 -22.17 -7.64 13.62
C SER A 120 -21.17 -6.76 12.92
N LEU A 121 -19.98 -7.32 12.66
CA LEU A 121 -18.92 -6.60 11.95
C LEU A 121 -18.42 -7.41 10.74
N THR A 122 -17.77 -6.71 9.80
CA THR A 122 -17.22 -7.36 8.62
C THR A 122 -15.76 -7.71 8.90
N TYR A 123 -15.17 -8.48 8.01
CA TYR A 123 -13.76 -8.87 8.14
C TYR A 123 -12.84 -7.65 8.34
N PHE A 124 -12.88 -6.67 7.43
CA PHE A 124 -12.02 -5.48 7.56
C PHE A 124 -12.32 -4.64 8.80
N GLU A 125 -13.56 -4.69 9.27
CA GLU A 125 -13.93 -3.93 10.46
C GLU A 125 -13.27 -4.56 11.69
N TYR A 126 -13.31 -5.89 11.76
CA TYR A 126 -12.65 -6.63 12.84
C TYR A 126 -11.14 -6.33 12.87
N GLY A 127 -10.50 -6.48 11.71
CA GLY A 127 -9.06 -6.28 11.59
C GLY A 127 -8.65 -4.85 11.90
N THR A 128 -9.51 -3.91 11.54
CA THR A 128 -9.23 -2.50 11.79
C THR A 128 -9.36 -2.19 13.28
N LEU A 129 -10.41 -2.72 13.91
CA LEU A 129 -10.60 -2.52 15.35
C LEU A 129 -9.45 -3.20 16.10
N SER A 130 -9.04 -4.36 15.61
CA SER A 130 -7.96 -5.12 16.24
C SER A 130 -6.65 -4.30 16.18
N ALA A 131 -6.34 -3.73 15.02
CA ALA A 131 -5.14 -2.89 14.90
C ALA A 131 -5.23 -1.68 15.80
N LEU A 132 -6.38 -1.04 15.84
CA LEU A 132 -6.56 0.13 16.70
C LEU A 132 -6.31 -0.24 18.16
N TRP A 133 -6.78 -1.41 18.55
CA TRP A 133 -6.62 -1.95 19.89
C TRP A 133 -5.16 -2.29 20.21
N LEU A 134 -4.49 -2.97 19.29
CA LEU A 134 -3.08 -3.30 19.48
C LEU A 134 -2.26 -1.99 19.61
N PHE A 135 -2.59 -0.97 18.83
CA PHE A 135 -1.88 0.32 18.91
C PHE A 135 -2.11 1.01 20.25
N LYS A 136 -3.34 0.97 20.72
CA LYS A 136 -3.66 1.63 21.99
C LYS A 136 -2.87 1.00 23.14
N GLN A 137 -2.85 -0.33 23.16
CA GLN A 137 -2.13 -1.09 24.18
C GLN A 137 -0.64 -0.76 24.20
N ALA A 138 -0.08 -0.48 23.03
CA ALA A 138 1.34 -0.18 22.87
C ALA A 138 1.78 1.22 23.29
N GLN A 139 0.85 2.12 23.55
CA GLN A 139 1.19 3.47 23.99
C GLN A 139 2.20 4.22 23.10
N LEU A 140 1.81 4.45 21.85
CA LEU A 140 2.66 5.10 20.87
C LEU A 140 2.51 6.61 20.81
N ASP A 141 3.47 7.23 20.13
CA ASP A 141 3.48 8.69 19.90
C ASP A 141 2.76 8.98 18.58
N VAL A 142 3.02 8.13 17.58
CA VAL A 142 2.42 8.30 16.26
C VAL A 142 1.85 7.01 15.68
N VAL A 143 0.66 7.10 15.10
CA VAL A 143 0.02 5.97 14.44
C VAL A 143 -0.25 6.38 12.98
N ILE A 144 0.10 5.49 12.05
CA ILE A 144 -0.09 5.75 10.64
C ILE A 144 -1.08 4.72 10.11
N LEU A 145 -2.20 5.20 9.60
CA LEU A 145 -3.23 4.33 9.11
C LEU A 145 -3.34 4.38 7.57
N GLU A 146 -3.18 3.21 6.95
CA GLU A 146 -3.35 3.10 5.51
C GLU A 146 -4.83 2.75 5.33
N VAL A 147 -5.54 3.54 4.52
CA VAL A 147 -6.95 3.29 4.26
C VAL A 147 -7.12 1.97 3.51
N GLY A 148 -8.13 1.20 3.87
CA GLY A 148 -8.36 -0.07 3.21
C GLY A 148 -8.86 0.14 1.79
N LEU A 149 -9.95 0.88 1.64
CA LEU A 149 -10.56 1.14 0.33
C LEU A 149 -11.28 2.48 0.33
N GLY A 150 -10.92 3.35 -0.60
CA GLY A 150 -11.59 4.65 -0.71
C GLY A 150 -11.21 5.65 0.35
N GLY A 151 -12.18 6.05 1.17
CA GLY A 151 -11.97 7.04 2.22
C GLY A 151 -13.17 7.26 3.15
N ARG A 152 -14.16 8.01 2.67
CA ARG A 152 -15.38 8.33 3.42
C ARG A 152 -16.01 7.14 4.19
N LEU A 153 -16.06 5.99 3.55
CA LEU A 153 -16.68 4.83 4.17
C LEU A 153 -15.76 3.74 4.66
N ASP A 154 -14.44 3.97 4.63
CA ASP A 154 -13.47 2.96 5.10
C ASP A 154 -13.41 2.95 6.63
N ALA A 155 -13.34 1.75 7.21
CA ALA A 155 -13.28 1.59 8.66
C ALA A 155 -12.25 2.51 9.30
N THR A 156 -11.17 2.80 8.59
CA THR A 156 -10.13 3.66 9.14
C THR A 156 -10.62 5.09 9.32
N ASN A 157 -11.76 5.43 8.72
CA ASN A 157 -12.31 6.79 8.82
C ASN A 157 -13.12 7.13 10.11
N ILE A 158 -13.22 6.18 11.04
CA ILE A 158 -13.89 6.44 12.31
C ILE A 158 -12.90 7.19 13.22
N VAL A 159 -11.63 7.15 12.82
CA VAL A 159 -10.58 7.84 13.56
C VAL A 159 -10.41 9.22 12.89
N ASP A 160 -10.14 10.27 13.66
CA ASP A 160 -9.95 11.61 13.10
C ASP A 160 -8.46 11.88 12.95
N ALA A 161 -7.98 11.88 11.71
CA ALA A 161 -6.56 12.10 11.43
C ALA A 161 -6.08 13.51 11.75
N ASP A 162 -4.85 13.60 12.24
CA ASP A 162 -4.21 14.89 12.54
C ASP A 162 -3.65 15.48 11.25
N VAL A 163 -3.28 14.61 10.33
CA VAL A 163 -2.81 14.99 9.00
C VAL A 163 -3.41 13.95 8.08
N ALA A 164 -4.17 14.41 7.08
CA ALA A 164 -4.79 13.50 6.11
C ALA A 164 -3.92 13.54 4.85
N VAL A 165 -3.81 12.40 4.17
CA VAL A 165 -2.98 12.32 2.97
C VAL A 165 -3.61 11.62 1.76
N VAL A 166 -3.46 12.23 0.59
CA VAL A 166 -3.91 11.63 -0.67
C VAL A 166 -2.70 11.48 -1.58
N THR A 167 -2.30 10.24 -1.79
CA THR A 167 -1.10 9.91 -2.57
C THR A 167 -1.20 10.10 -4.07
N SER A 168 -2.29 9.62 -4.65
CA SER A 168 -2.56 9.75 -6.06
C SER A 168 -4.03 9.40 -6.27
N ILE A 169 -4.56 9.77 -7.43
CA ILE A 169 -5.91 9.43 -7.80
C ILE A 169 -5.88 8.90 -9.22
N ALA A 170 -6.46 7.73 -9.42
CA ALA A 170 -6.55 7.10 -10.74
C ALA A 170 -7.69 6.12 -10.66
N LEU A 171 -7.81 5.22 -11.63
CA LEU A 171 -8.93 4.31 -11.60
C LEU A 171 -8.67 2.92 -11.07
N ASP A 172 -9.42 2.59 -10.03
CA ASP A 172 -9.39 1.28 -9.43
C ASP A 172 -10.60 1.29 -8.49
N HIS A 173 -11.20 0.12 -8.25
CA HIS A 173 -12.39 -0.02 -7.39
C HIS A 173 -13.57 0.83 -7.88
N THR A 174 -13.59 1.08 -9.18
CA THR A 174 -14.63 1.90 -9.77
C THR A 174 -16.03 1.36 -9.40
N ASP A 175 -16.12 0.06 -9.16
CA ASP A 175 -17.41 -0.51 -8.79
C ASP A 175 -17.87 0.02 -7.46
N TRP A 176 -16.93 0.45 -6.61
CA TRP A 176 -17.27 1.00 -5.31
C TRP A 176 -17.20 2.50 -5.24
N LEU A 177 -16.20 3.07 -5.91
CA LEU A 177 -15.94 4.50 -5.83
C LEU A 177 -16.42 5.43 -6.93
N GLY A 178 -16.99 4.89 -7.99
CA GLY A 178 -17.44 5.75 -9.07
C GLY A 178 -16.59 5.46 -10.30
N PRO A 179 -17.10 5.86 -11.46
CA PRO A 179 -16.45 5.61 -12.74
C PRO A 179 -15.36 6.59 -13.18
N ASP A 180 -15.15 7.67 -12.42
CA ASP A 180 -14.15 8.64 -12.81
C ASP A 180 -13.30 9.18 -11.68
N ARG A 181 -12.26 9.92 -12.05
CA ARG A 181 -11.33 10.51 -11.08
C ARG A 181 -12.02 11.51 -10.16
N GLU A 182 -13.05 12.18 -10.66
CA GLU A 182 -13.75 13.15 -9.83
C GLU A 182 -14.55 12.46 -8.72
N SER A 183 -15.25 11.38 -9.06
CA SER A 183 -16.04 10.65 -8.06
C SER A 183 -15.11 9.94 -7.08
N ILE A 184 -14.01 9.40 -7.60
CA ILE A 184 -13.03 8.70 -6.76
C ILE A 184 -12.34 9.68 -5.78
N GLY A 185 -11.95 10.85 -6.29
CA GLY A 185 -11.32 11.89 -5.48
C GLY A 185 -12.23 12.34 -4.32
N ARG A 186 -13.53 12.50 -4.59
CA ARG A 186 -14.46 12.91 -3.55
C ARG A 186 -14.44 11.88 -2.42
N GLU A 187 -14.56 10.60 -2.76
CA GLU A 187 -14.56 9.56 -1.72
C GLU A 187 -13.29 9.47 -0.87
N KCX A 188 -12.12 9.53 -1.52
CA KCX A 188 -10.83 9.49 -0.83
CB KCX A 188 -9.70 9.51 -1.86
CG KCX A 188 -9.04 8.17 -2.13
CD KCX A 188 -9.68 7.42 -3.25
CE KCX A 188 -8.88 6.20 -3.71
NZ KCX A 188 -9.08 5.04 -2.83
C KCX A 188 -10.65 10.67 0.13
O KCX A 188 -10.08 10.51 1.21
CX KCX A 188 -8.51 3.84 -2.94
OQ1 KCX A 188 -8.34 3.43 -4.10
OQ2 KCX A 188 -8.23 3.20 -1.92
N ALA A 189 -11.10 11.85 -0.29
CA ALA A 189 -10.98 13.06 0.50
C ALA A 189 -11.87 13.06 1.77
N GLY A 190 -12.66 12.01 1.94
CA GLY A 190 -13.53 11.89 3.09
C GLY A 190 -12.72 11.84 4.37
N ILE A 191 -11.44 11.43 4.26
CA ILE A 191 -10.60 11.36 5.46
C ILE A 191 -10.15 12.75 5.95
N PHE A 192 -10.44 13.81 5.19
CA PHE A 192 -10.04 15.18 5.59
C PHE A 192 -10.78 15.62 6.85
N ARG A 193 -10.23 16.64 7.54
CA ARG A 193 -10.84 17.16 8.77
C ARG A 193 -10.68 18.68 8.91
N SER A 194 -11.63 19.31 9.60
CA SER A 194 -11.59 20.75 9.82
C SER A 194 -10.28 21.18 10.47
N GLU A 195 -9.66 22.20 9.89
CA GLU A 195 -8.40 22.74 10.40
C GLU A 195 -7.22 21.79 10.55
N LYS A 196 -7.17 20.75 9.72
CA LYS A 196 -6.06 19.79 9.75
C LYS A 196 -5.44 19.82 8.37
N PRO A 197 -4.12 19.69 8.28
CA PRO A 197 -3.49 19.69 6.95
C PRO A 197 -4.03 18.54 6.11
N ALA A 198 -4.34 18.85 4.85
CA ALA A 198 -4.85 17.88 3.88
C ALA A 198 -3.81 17.87 2.75
N ILE A 199 -2.88 16.92 2.85
CA ILE A 199 -1.76 16.78 1.92
C ILE A 199 -2.10 15.98 0.67
N VAL A 200 -2.04 16.65 -0.47
CA VAL A 200 -2.34 16.00 -1.74
C VAL A 200 -1.11 15.87 -2.64
N GLY A 201 -0.62 14.64 -2.81
CA GLY A 201 0.56 14.35 -3.62
C GLY A 201 0.29 14.04 -5.08
N GLU A 202 -0.99 14.03 -5.45
CA GLU A 202 -1.42 13.78 -6.82
C GLU A 202 -1.24 15.11 -7.61
N PRO A 203 -0.41 15.09 -8.65
CA PRO A 203 -0.13 16.30 -9.41
C PRO A 203 -1.27 16.91 -10.23
N GLU A 204 -2.26 16.09 -10.62
CA GLU A 204 -3.43 16.59 -11.38
C GLU A 204 -4.63 16.35 -10.49
N MET A 205 -4.81 17.22 -9.51
CA MET A 205 -5.92 17.06 -8.57
C MET A 205 -7.32 17.30 -9.15
N PRO A 206 -8.25 16.36 -8.91
CA PRO A 206 -9.63 16.53 -9.36
C PRO A 206 -10.21 17.64 -8.48
N SER A 207 -11.07 18.48 -9.05
CA SER A 207 -11.66 19.60 -8.32
C SER A 207 -12.47 19.19 -7.08
N THR A 208 -13.02 17.99 -7.11
CA THR A 208 -13.82 17.46 -6.00
C THR A 208 -13.03 17.36 -4.70
N ILE A 209 -11.71 17.26 -4.82
CA ILE A 209 -10.85 17.18 -3.65
C ILE A 209 -10.80 18.58 -3.00
N ALA A 210 -10.75 19.63 -3.84
CA ALA A 210 -10.76 20.99 -3.29
C ALA A 210 -12.17 21.27 -2.75
N ASP A 211 -13.21 20.76 -3.43
CA ASP A 211 -14.60 20.91 -2.98
C ASP A 211 -14.76 20.32 -1.58
N VAL A 212 -14.28 19.11 -1.37
CA VAL A 212 -14.39 18.46 -0.06
C VAL A 212 -13.56 19.17 1.00
N ALA A 213 -12.38 19.68 0.63
CA ALA A 213 -11.56 20.40 1.60
C ALA A 213 -12.31 21.67 2.01
N GLN A 214 -13.04 22.26 1.09
CA GLN A 214 -13.79 23.47 1.42
C GLN A 214 -14.99 23.11 2.30
N GLU A 215 -15.71 22.07 1.93
CA GLU A 215 -16.87 21.62 2.72
C GLU A 215 -16.51 21.32 4.18
N LYS A 216 -15.29 20.85 4.41
CA LYS A 216 -14.85 20.48 5.76
C LYS A 216 -14.00 21.52 6.49
N GLY A 217 -13.43 22.47 5.76
CA GLY A 217 -12.55 23.46 6.38
C GLY A 217 -11.13 22.88 6.60
N ALA A 218 -10.75 21.88 5.80
CA ALA A 218 -9.42 21.25 5.87
C ALA A 218 -8.37 22.20 5.27
N LEU A 219 -7.11 22.07 5.68
CA LEU A 219 -6.05 22.95 5.16
C LEU A 219 -5.28 22.30 4.00
N LEU A 220 -5.77 22.52 2.78
CA LEU A 220 -5.23 21.93 1.55
C LEU A 220 -3.84 22.37 1.14
N GLN A 221 -2.95 21.40 1.03
CA GLN A 221 -1.57 21.69 0.66
C GLN A 221 -1.19 20.69 -0.41
N ARG A 222 -1.18 21.17 -1.65
CA ARG A 222 -0.94 20.31 -2.79
C ARG A 222 0.34 20.49 -3.60
N ARG A 223 0.80 19.37 -4.16
CA ARG A 223 1.97 19.34 -5.00
C ARG A 223 1.74 20.30 -6.16
N GLY A 224 2.73 21.14 -6.45
CA GLY A 224 2.63 22.10 -7.53
C GLY A 224 2.15 23.48 -7.09
N VAL A 225 1.52 23.55 -5.92
CA VAL A 225 1.02 24.82 -5.41
C VAL A 225 1.72 25.18 -4.09
N GLU A 226 1.30 24.54 -3.00
CA GLU A 226 1.91 24.77 -1.67
C GLU A 226 3.29 24.10 -1.55
N TRP A 227 3.50 22.99 -2.25
CA TRP A 227 4.80 22.33 -2.19
C TRP A 227 5.19 21.71 -3.52
N ASN A 228 6.48 21.43 -3.67
CA ASN A 228 6.98 20.87 -4.90
C ASN A 228 8.36 20.21 -4.74
N TYR A 229 8.82 19.54 -5.78
CA TYR A 229 10.10 18.89 -5.73
C TYR A 229 10.71 18.84 -7.10
N SER A 230 12.02 18.66 -7.14
CA SER A 230 12.77 18.56 -8.38
C SER A 230 13.72 17.39 -8.20
N VAL A 231 14.10 16.74 -9.30
CA VAL A 231 15.00 15.62 -9.22
C VAL A 231 16.21 15.77 -10.15
N THR A 232 17.22 14.97 -9.85
CA THR A 232 18.45 14.91 -10.61
C THR A 232 18.74 13.41 -10.78
N ASP A 233 19.74 13.09 -11.59
CA ASP A 233 20.09 11.69 -11.85
C ASP A 233 20.67 11.01 -10.63
N HIS A 234 21.06 11.81 -9.65
CA HIS A 234 21.68 11.25 -8.46
C HIS A 234 21.15 11.74 -7.11
N ASP A 235 20.19 12.68 -7.13
CA ASP A 235 19.60 13.22 -5.91
C ASP A 235 18.31 14.03 -6.17
N TRP A 236 17.75 14.67 -5.15
CA TRP A 236 16.53 15.47 -5.31
C TRP A 236 16.44 16.59 -4.32
N ALA A 237 15.54 17.54 -4.59
CA ALA A 237 15.34 18.70 -3.74
C ALA A 237 13.85 18.86 -3.45
N PHE A 238 13.53 19.45 -2.31
CA PHE A 238 12.14 19.62 -1.91
C PHE A 238 11.86 21.05 -1.42
N SER A 239 10.64 21.52 -1.69
CA SER A 239 10.26 22.87 -1.30
C SER A 239 8.80 23.03 -0.86
N ASP A 240 8.60 23.82 0.19
CA ASP A 240 7.27 24.14 0.71
C ASP A 240 7.37 25.52 1.33
N ALA A 241 6.30 26.00 1.94
CA ALA A 241 6.27 27.32 2.55
C ALA A 241 7.25 27.52 3.70
N HIS A 242 7.85 26.43 4.18
CA HIS A 242 8.78 26.52 5.30
C HIS A 242 10.25 26.58 4.86
N GLY A 243 10.49 26.44 3.57
CA GLY A 243 11.87 26.48 3.07
C GLY A 243 12.14 25.34 2.10
N THR A 244 13.41 24.99 1.95
CA THR A 244 13.80 23.93 1.01
C THR A 244 14.81 22.93 1.59
N LEU A 245 14.92 21.79 0.92
CA LEU A 245 15.88 20.75 1.30
C LEU A 245 16.64 20.32 0.05
N GLU A 246 17.97 20.29 0.14
CA GLU A 246 18.75 19.90 -1.03
C GLU A 246 19.53 18.60 -0.92
N ASN A 247 19.87 18.04 -2.07
CA ASN A 247 20.66 16.82 -2.10
C ASN A 247 20.03 15.66 -1.34
N LEU A 248 18.73 15.48 -1.46
CA LEU A 248 18.08 14.38 -0.76
C LEU A 248 18.43 13.07 -1.44
N PRO A 249 18.44 11.99 -0.68
CA PRO A 249 18.76 10.68 -1.24
C PRO A 249 17.70 10.19 -2.22
N LEU A 250 18.14 9.68 -3.37
CA LEU A 250 17.20 9.15 -4.34
C LEU A 250 16.49 8.01 -3.59
N PRO A 251 15.16 7.98 -3.65
CA PRO A 251 14.41 6.98 -2.88
C PRO A 251 14.36 5.57 -3.42
N LEU A 252 14.00 4.64 -2.55
CA LEU A 252 13.90 3.23 -2.91
C LEU A 252 12.43 2.82 -2.95
N VAL A 253 11.58 3.86 -2.93
CA VAL A 253 10.12 3.77 -3.08
C VAL A 253 9.86 4.79 -4.19
N PRO A 254 8.70 4.75 -4.82
CA PRO A 254 8.41 5.71 -5.89
C PRO A 254 8.63 7.16 -5.49
N GLN A 255 9.39 7.87 -6.32
CA GLN A 255 9.72 9.30 -6.10
C GLN A 255 8.56 10.22 -5.67
N PRO A 256 7.41 10.12 -6.32
CA PRO A 256 6.27 10.96 -5.95
C PRO A 256 5.82 10.71 -4.50
N ASN A 257 5.87 9.46 -4.05
CA ASN A 257 5.44 9.10 -2.69
C ASN A 257 6.39 9.58 -1.61
N ALA A 258 7.68 9.67 -1.94
CA ALA A 258 8.67 10.13 -0.98
C ALA A 258 8.48 11.63 -0.76
N ALA A 259 8.15 12.35 -1.82
CA ALA A 259 7.89 13.80 -1.75
C ALA A 259 6.61 14.05 -0.97
N THR A 260 5.60 13.22 -1.22
CA THR A 260 4.31 13.33 -0.53
C THR A 260 4.48 13.12 0.99
N ALA A 261 5.24 12.09 1.37
CA ALA A 261 5.50 11.80 2.79
C ALA A 261 6.28 12.93 3.43
N LEU A 262 7.28 13.45 2.72
CA LEU A 262 8.08 14.55 3.26
C LEU A 262 7.20 15.80 3.46
N ALA A 263 6.25 16.01 2.56
CA ALA A 263 5.33 17.15 2.66
C ALA A 263 4.41 17.03 3.87
N ALA A 264 3.87 15.83 4.06
CA ALA A 264 2.98 15.51 5.18
C ALA A 264 3.75 15.61 6.50
N LEU A 265 5.01 15.21 6.47
CA LEU A 265 5.84 15.28 7.65
C LEU A 265 6.16 16.73 8.01
N ARG A 266 6.53 17.53 7.03
CA ARG A 266 6.83 18.93 7.32
C ARG A 266 5.59 19.73 7.74
N ALA A 267 4.43 19.29 7.28
CA ALA A 267 3.18 19.97 7.61
C ALA A 267 2.62 19.57 8.99
N SER A 268 3.10 18.46 9.53
CA SER A 268 2.64 17.94 10.84
C SER A 268 3.10 18.74 12.06
N GLY A 269 4.22 19.44 11.93
CA GLY A 269 4.77 20.20 13.04
C GLY A 269 5.55 19.28 13.99
N LEU A 270 5.71 18.01 13.63
CA LEU A 270 6.45 17.09 14.48
C LEU A 270 7.91 17.52 14.41
N GLU A 271 8.61 17.39 15.52
CA GLU A 271 10.01 17.78 15.53
C GLU A 271 10.87 16.69 14.94
N VAL A 272 11.34 16.91 13.72
CA VAL A 272 12.18 15.96 12.99
C VAL A 272 13.38 16.69 12.36
N SER A 273 14.60 16.21 12.61
CA SER A 273 15.78 16.87 12.05
C SER A 273 16.02 16.50 10.58
N GLU A 274 16.82 17.33 9.91
CA GLU A 274 17.17 17.11 8.51
C GLU A 274 17.81 15.73 8.35
N ASN A 275 18.69 15.37 9.30
CA ASN A 275 19.36 14.07 9.26
C ASN A 275 18.41 12.90 9.48
N ALA A 276 17.34 13.09 10.24
CA ALA A 276 16.39 11.97 10.44
C ALA A 276 15.60 11.80 9.15
N ILE A 277 15.43 12.91 8.44
CA ILE A 277 14.73 12.91 7.17
C ILE A 277 15.56 12.14 6.14
N ARG A 278 16.85 12.50 6.03
CA ARG A 278 17.77 11.83 5.09
C ARG A 278 17.91 10.33 5.36
N ASP A 279 18.08 9.96 6.62
CA ASP A 279 18.22 8.55 7.01
C ASP A 279 16.95 7.75 6.70
N GLY A 280 15.79 8.34 6.98
CA GLY A 280 14.50 7.67 6.73
C GLY A 280 14.21 7.46 5.26
N ILE A 281 14.46 8.50 4.46
CA ILE A 281 14.23 8.41 3.01
C ILE A 281 15.18 7.38 2.39
N ALA A 282 16.43 7.36 2.88
CA ALA A 282 17.45 6.45 2.39
C ALA A 282 17.20 4.97 2.69
N SER A 283 16.44 4.66 3.72
CA SER A 283 16.22 3.25 4.09
C SER A 283 14.81 2.75 3.84
N ALA A 284 13.91 3.64 3.45
CA ALA A 284 12.53 3.25 3.23
C ALA A 284 12.36 2.41 1.97
N ILE A 285 11.86 1.19 2.15
CA ILE A 285 11.65 0.28 1.04
C ILE A 285 10.57 -0.75 1.42
N LEU A 286 9.82 -1.25 0.44
CA LEU A 286 8.78 -2.25 0.68
C LEU A 286 8.89 -3.41 -0.30
N PRO A 287 8.88 -4.63 0.21
CA PRO A 287 8.94 -5.81 -0.64
C PRO A 287 7.79 -5.78 -1.65
N GLY A 288 8.11 -6.06 -2.91
CA GLY A 288 7.11 -6.09 -3.97
C GLY A 288 6.73 -4.76 -4.62
N ARG A 289 7.41 -3.69 -4.25
CA ARG A 289 7.17 -2.35 -4.81
C ARG A 289 8.47 -1.96 -5.49
N PHE A 290 8.54 -2.25 -6.79
CA PHE A 290 9.77 -2.07 -7.59
C PHE A 290 11.02 -2.47 -6.84
N GLN A 291 11.04 -3.73 -6.43
CA GLN A 291 12.13 -4.29 -5.65
C GLN A 291 13.14 -5.04 -6.52
N ILE A 292 14.35 -4.51 -6.59
CA ILE A 292 15.43 -5.14 -7.33
C ILE A 292 15.96 -6.26 -6.44
N VAL A 293 15.65 -7.50 -6.79
CA VAL A 293 16.03 -8.67 -5.99
C VAL A 293 17.44 -9.22 -6.27
N SER A 294 17.89 -9.09 -7.52
CA SER A 294 19.20 -9.57 -7.91
C SER A 294 19.68 -8.99 -9.23
N GLU A 295 20.90 -9.37 -9.61
CA GLU A 295 21.52 -8.93 -10.85
C GLU A 295 22.00 -10.19 -11.59
N SER A 296 22.17 -10.08 -12.92
CA SER A 296 22.62 -11.18 -13.76
C SER A 296 21.94 -12.55 -13.59
N PRO A 297 20.67 -12.65 -13.97
CA PRO A 297 19.95 -11.50 -14.52
C PRO A 297 19.31 -10.59 -13.48
N ARG A 298 19.04 -9.35 -13.86
CA ARG A 298 18.38 -8.40 -12.96
C ARG A 298 16.98 -8.95 -12.75
N VAL A 299 16.61 -9.12 -11.48
CA VAL A 299 15.29 -9.63 -11.12
C VAL A 299 14.53 -8.50 -10.40
N ILE A 300 13.29 -8.28 -10.81
CA ILE A 300 12.43 -7.25 -10.23
C ILE A 300 11.05 -7.78 -9.81
N PHE A 301 10.60 -7.42 -8.61
CA PHE A 301 9.26 -7.78 -8.11
C PHE A 301 8.46 -6.48 -8.02
N ASP A 302 7.30 -6.44 -8.68
CA ASP A 302 6.42 -5.28 -8.59
C ASP A 302 4.97 -5.72 -8.67
N VAL A 303 4.21 -5.50 -7.60
CA VAL A 303 2.81 -5.91 -7.55
C VAL A 303 1.90 -4.92 -8.23
N ALA A 304 2.32 -4.33 -9.35
CA ALA A 304 1.47 -3.38 -10.05
C ALA A 304 0.24 -4.14 -10.51
N HIS A 305 -0.96 -3.75 -10.08
CA HIS A 305 -2.16 -4.49 -10.47
C HIS A 305 -3.27 -3.65 -11.07
N ASN A 306 -2.93 -2.49 -11.61
CA ASN A 306 -3.89 -1.64 -12.29
C ASN A 306 -3.19 -0.80 -13.36
N PRO A 307 -3.96 -0.23 -14.28
CA PRO A 307 -3.37 0.57 -15.36
C PRO A 307 -2.43 1.72 -14.95
N HIS A 308 -2.74 2.43 -13.87
CA HIS A 308 -1.93 3.58 -13.41
C HIS A 308 -0.54 3.14 -12.88
N ALA A 309 -0.53 2.02 -12.15
CA ALA A 309 0.69 1.42 -11.60
C ALA A 309 1.50 0.76 -12.71
N ALA A 310 0.81 0.10 -13.65
CA ALA A 310 1.49 -0.54 -14.79
C ALA A 310 2.17 0.56 -15.61
N GLU A 311 1.47 1.68 -15.83
CA GLU A 311 2.11 2.78 -16.57
C GLU A 311 3.36 3.28 -15.82
N TYR A 312 3.28 3.31 -14.48
CA TYR A 312 4.42 3.78 -13.70
C TYR A 312 5.58 2.80 -13.81
N LEU A 313 5.27 1.50 -13.75
CA LEU A 313 6.26 0.42 -13.89
C LEU A 313 6.94 0.49 -15.24
N THR A 314 6.14 0.68 -16.29
CA THR A 314 6.65 0.79 -17.64
C THR A 314 7.64 1.95 -17.73
N GLY A 315 7.38 3.03 -17.02
CA GLY A 315 8.29 4.19 -17.05
C GLY A 315 9.61 3.84 -16.33
N ARG A 316 9.49 3.03 -15.29
CA ARG A 316 10.66 2.60 -14.51
C ARG A 316 11.48 1.65 -15.38
N MET A 317 10.78 0.68 -15.96
CA MET A 317 11.40 -0.33 -16.85
C MET A 317 12.19 0.34 -17.96
N LYS A 318 11.60 1.36 -18.58
CA LYS A 318 12.23 2.09 -19.66
C LYS A 318 13.43 2.91 -19.21
N ALA A 319 13.50 3.23 -17.92
CA ALA A 319 14.63 4.02 -17.41
C ALA A 319 15.82 3.13 -17.09
N LEU A 320 15.61 1.82 -17.14
CA LEU A 320 16.67 0.84 -16.87
C LEU A 320 17.71 0.93 -17.98
N PRO A 321 18.92 0.44 -17.73
CA PRO A 321 19.97 0.49 -18.73
C PRO A 321 19.59 -0.32 -19.97
N LYS A 322 20.13 0.08 -21.13
CA LYS A 322 19.90 -0.61 -22.41
C LYS A 322 20.26 -2.06 -22.16
N ASN A 323 19.28 -2.94 -22.25
CA ASN A 323 19.51 -4.34 -21.93
C ASN A 323 19.55 -5.33 -23.05
N GLY A 324 19.09 -6.51 -22.68
CA GLY A 324 18.92 -7.63 -23.54
C GLY A 324 17.40 -7.70 -23.55
N ARG A 325 16.85 -8.80 -23.06
CA ARG A 325 15.41 -8.97 -23.07
C ARG A 325 14.74 -8.85 -21.70
N VAL A 326 13.45 -8.54 -21.75
CA VAL A 326 12.63 -8.43 -20.55
C VAL A 326 11.65 -9.60 -20.55
N LEU A 327 11.84 -10.51 -19.60
CA LEU A 327 10.97 -11.66 -19.47
C LEU A 327 10.05 -11.36 -18.31
N ALA A 328 8.77 -11.68 -18.44
CA ALA A 328 7.83 -11.41 -17.38
C ALA A 328 7.04 -12.63 -16.89
N VAL A 329 6.98 -12.79 -15.57
CA VAL A 329 6.23 -13.88 -14.95
C VAL A 329 4.96 -13.21 -14.41
N ILE A 330 3.80 -13.60 -14.94
CA ILE A 330 2.55 -12.96 -14.55
C ILE A 330 1.38 -13.85 -14.12
N GLY A 331 0.67 -13.33 -13.12
CA GLY A 331 -0.52 -13.94 -12.56
C GLY A 331 -1.41 -12.77 -12.15
N MET A 332 -2.70 -12.84 -12.47
CA MET A 332 -3.62 -11.75 -12.14
C MET A 332 -5.00 -12.23 -11.66
N LEU A 333 -5.70 -11.32 -11.01
CA LEU A 333 -7.05 -11.57 -10.54
C LEU A 333 -8.05 -10.89 -11.49
N HIS A 334 -9.21 -11.51 -11.67
CA HIS A 334 -10.27 -11.00 -12.54
C HIS A 334 -10.93 -9.68 -12.08
N ASP A 335 -10.82 -9.36 -10.80
CA ASP A 335 -11.41 -8.13 -10.30
C ASP A 335 -10.59 -6.88 -10.60
N LYS A 336 -9.56 -7.03 -11.43
CA LYS A 336 -8.74 -5.89 -11.82
C LYS A 336 -8.94 -5.66 -13.31
N ASP A 337 -8.48 -4.51 -13.80
CA ASP A 337 -8.61 -4.19 -15.22
C ASP A 337 -7.41 -4.85 -15.91
N ILE A 338 -7.58 -6.12 -16.22
CA ILE A 338 -6.52 -6.91 -16.85
C ILE A 338 -6.09 -6.35 -18.20
N ALA A 339 -7.04 -6.12 -19.09
CA ALA A 339 -6.70 -5.63 -20.41
C ALA A 339 -5.92 -4.34 -20.29
N GLY A 340 -6.36 -3.45 -19.41
CA GLY A 340 -5.74 -2.13 -19.22
C GLY A 340 -4.35 -2.20 -18.63
N THR A 341 -4.18 -3.16 -17.73
CA THR A 341 -2.89 -3.34 -17.10
C THR A 341 -1.89 -3.93 -18.10
N LEU A 342 -2.31 -4.97 -18.83
CA LEU A 342 -1.44 -5.61 -19.80
C LEU A 342 -1.05 -4.72 -20.98
N ALA A 343 -1.94 -3.82 -21.37
CA ALA A 343 -1.66 -2.91 -22.48
C ALA A 343 -0.38 -2.13 -22.22
N TRP A 344 -0.24 -1.66 -20.99
CA TRP A 344 0.95 -0.90 -20.64
C TRP A 344 2.18 -1.78 -20.56
N LEU A 345 2.04 -2.91 -19.87
CA LEU A 345 3.14 -3.86 -19.68
C LEU A 345 3.69 -4.41 -20.99
N LYS A 346 2.77 -4.67 -21.92
CA LYS A 346 3.14 -5.21 -23.21
C LYS A 346 4.10 -4.28 -23.93
N SER A 347 4.08 -3.01 -23.61
CA SER A 347 4.99 -2.07 -24.29
C SER A 347 6.46 -2.20 -23.90
N VAL A 348 6.74 -2.92 -22.81
CA VAL A 348 8.13 -3.08 -22.39
C VAL A 348 8.55 -4.52 -22.23
N VAL A 349 7.60 -5.43 -22.11
CA VAL A 349 7.93 -6.85 -21.95
C VAL A 349 8.24 -7.52 -23.28
N ASP A 350 9.25 -8.37 -23.32
CA ASP A 350 9.59 -9.10 -24.54
C ASP A 350 8.98 -10.50 -24.51
N ASP A 351 9.27 -11.26 -23.45
CA ASP A 351 8.78 -12.63 -23.31
C ASP A 351 7.86 -12.84 -22.10
N TRP A 352 6.67 -13.39 -22.34
CA TRP A 352 5.66 -13.61 -21.29
C TRP A 352 5.57 -15.06 -20.80
N TYR A 353 5.47 -15.24 -19.48
CA TYR A 353 5.35 -16.57 -18.85
C TYR A 353 4.11 -16.49 -17.97
N CYS A 354 3.03 -17.10 -18.44
CA CYS A 354 1.76 -16.99 -17.73
C CYS A 354 1.42 -18.15 -16.82
N ALA A 355 0.81 -17.82 -15.69
CA ALA A 355 0.42 -18.83 -14.74
C ALA A 355 -0.95 -18.47 -14.20
N PRO A 356 -1.67 -19.48 -13.73
CA PRO A 356 -2.99 -19.25 -13.14
C PRO A 356 -2.86 -18.86 -11.66
N LEU A 357 -3.89 -18.25 -11.11
CA LEU A 357 -3.90 -17.93 -9.70
C LEU A 357 -5.09 -18.74 -9.16
N GLU A 358 -4.87 -19.41 -8.03
CA GLU A 358 -5.89 -20.26 -7.43
C GLU A 358 -7.12 -19.50 -6.96
N GLY A 359 -8.21 -20.24 -6.80
CA GLY A 359 -9.43 -19.64 -6.30
C GLY A 359 -10.45 -19.16 -7.32
N PRO A 360 -11.44 -18.43 -6.80
CA PRO A 360 -12.55 -17.90 -7.58
C PRO A 360 -12.23 -16.68 -8.47
N ARG A 361 -11.55 -15.69 -7.89
CA ARG A 361 -11.23 -14.47 -8.63
C ARG A 361 -9.97 -14.49 -9.49
N GLY A 362 -9.21 -15.58 -9.42
CA GLY A 362 -7.97 -15.67 -10.20
C GLY A 362 -8.16 -16.06 -11.65
N ALA A 363 -7.42 -15.40 -12.53
CA ALA A 363 -7.50 -15.70 -13.96
C ALA A 363 -6.63 -16.91 -14.28
N THR A 364 -6.94 -17.60 -15.39
CA THR A 364 -6.20 -18.77 -15.82
C THR A 364 -5.05 -18.30 -16.71
N ALA A 365 -4.06 -19.17 -16.91
CA ALA A 365 -2.94 -18.80 -17.76
C ALA A 365 -3.47 -18.50 -19.16
N GLU A 366 -4.44 -19.30 -19.63
CA GLU A 366 -5.02 -19.11 -20.96
C GLU A 366 -5.70 -17.74 -21.14
N GLN A 367 -6.42 -17.29 -20.11
CA GLN A 367 -7.10 -15.98 -20.16
C GLN A 367 -6.12 -14.81 -20.34
N LEU A 368 -4.98 -14.87 -19.65
CA LEU A 368 -3.95 -13.83 -19.74
C LEU A 368 -3.33 -13.87 -21.14
N LEU A 369 -3.10 -15.09 -21.60
CA LEU A 369 -2.49 -15.34 -22.90
C LEU A 369 -3.31 -14.78 -24.04
N GLU A 370 -4.62 -14.84 -23.90
CA GLU A 370 -5.48 -14.32 -24.93
C GLU A 370 -5.22 -12.83 -25.11
N HIS A 371 -4.98 -12.12 -24.01
CA HIS A 371 -4.72 -10.68 -24.05
C HIS A 371 -3.33 -10.39 -24.60
N LEU A 372 -2.40 -11.29 -24.35
CA LEU A 372 -1.04 -11.03 -24.77
C LEU A 372 -0.78 -11.23 -26.25
N GLY A 373 -1.26 -12.36 -26.76
CA GLY A 373 -1.07 -12.65 -28.17
C GLY A 373 0.24 -13.39 -28.40
N ASN A 374 0.92 -13.68 -27.30
CA ASN A 374 2.19 -14.40 -27.34
C ASN A 374 2.50 -14.84 -25.92
N GLY A 375 3.51 -15.69 -25.78
CA GLY A 375 3.90 -16.17 -24.46
C GLY A 375 3.55 -17.63 -24.23
N LYS A 376 4.04 -18.18 -23.12
CA LYS A 376 3.80 -19.57 -22.75
C LYS A 376 3.01 -19.62 -21.46
N SER A 377 2.19 -20.66 -21.33
CA SER A 377 1.36 -20.84 -20.17
C SER A 377 1.96 -21.95 -19.31
N PHE A 378 1.76 -21.88 -18.00
CA PHE A 378 2.30 -22.87 -17.08
C PHE A 378 1.24 -23.30 -16.08
N ASP A 379 1.55 -24.38 -15.35
CA ASP A 379 0.64 -24.94 -14.36
C ASP A 379 0.58 -24.18 -13.04
N SER A 380 1.62 -23.40 -12.75
CA SER A 380 1.68 -22.62 -11.52
C SER A 380 2.65 -21.46 -11.70
N VAL A 381 2.64 -20.53 -10.75
CA VAL A 381 3.52 -19.38 -10.80
C VAL A 381 4.96 -19.87 -10.66
N ALA A 382 5.17 -20.87 -9.81
CA ALA A 382 6.52 -21.41 -9.61
C ALA A 382 7.15 -21.99 -10.89
N GLN A 383 6.38 -22.77 -11.64
CA GLN A 383 6.87 -23.36 -12.90
C GLN A 383 7.18 -22.26 -13.91
N ALA A 384 6.33 -21.24 -13.95
CA ALA A 384 6.53 -20.10 -14.83
C ALA A 384 7.83 -19.41 -14.44
N TRP A 385 8.04 -19.22 -13.14
CA TRP A 385 9.27 -18.59 -12.61
C TRP A 385 10.51 -19.43 -12.97
N ASP A 386 10.38 -20.73 -12.79
CA ASP A 386 11.49 -21.61 -13.12
C ASP A 386 11.83 -21.51 -14.59
N ALA A 387 10.80 -21.55 -15.43
CA ALA A 387 11.01 -21.45 -16.88
C ALA A 387 11.67 -20.10 -17.26
N ALA A 388 11.21 -18.99 -16.68
CA ALA A 388 11.79 -17.69 -17.00
C ALA A 388 13.27 -17.62 -16.64
N MET A 389 13.59 -18.12 -15.45
CA MET A 389 14.96 -18.11 -14.95
C MET A 389 15.86 -19.06 -15.75
N ALA A 390 15.27 -20.13 -16.28
CA ALA A 390 16.04 -21.07 -17.08
C ALA A 390 16.43 -20.39 -18.39
N ASP A 391 15.48 -19.68 -19.00
CA ASP A 391 15.68 -18.97 -20.28
C ASP A 391 16.49 -17.67 -20.17
N ALA A 392 16.39 -17.00 -19.04
CA ALA A 392 17.07 -15.71 -18.88
C ALA A 392 18.58 -15.74 -19.02
N LYS A 393 19.13 -14.72 -19.70
CA LYS A 393 20.58 -14.58 -19.84
C LYS A 393 21.02 -13.55 -18.81
N ALA A 394 22.31 -13.46 -18.54
CA ALA A 394 22.82 -12.52 -17.56
C ALA A 394 22.51 -11.05 -17.85
N GLU A 395 22.35 -10.72 -19.13
CA GLU A 395 22.09 -9.33 -19.52
C GLU A 395 20.61 -8.99 -19.56
N ASP A 396 19.77 -9.97 -19.22
CA ASP A 396 18.32 -9.81 -19.24
C ASP A 396 17.73 -9.30 -17.92
N THR A 397 16.40 -9.13 -17.90
CA THR A 397 15.68 -8.68 -16.72
C THR A 397 14.46 -9.56 -16.62
N VAL A 398 14.22 -10.11 -15.45
CA VAL A 398 13.05 -10.93 -15.25
C VAL A 398 12.13 -10.17 -14.29
N LEU A 399 10.89 -9.92 -14.69
CA LEU A 399 9.93 -9.18 -13.86
C LEU A 399 8.76 -10.05 -13.38
N VAL A 400 8.54 -10.11 -12.07
CA VAL A 400 7.41 -10.88 -11.52
C VAL A 400 6.39 -9.83 -11.18
N CYS A 401 5.19 -9.96 -11.76
CA CYS A 401 4.19 -8.92 -11.59
C CYS A 401 2.77 -9.41 -11.75
N GLY A 402 1.86 -8.46 -11.67
CA GLY A 402 0.43 -8.72 -11.87
C GLY A 402 -0.41 -8.69 -10.62
N SER A 403 0.17 -9.13 -9.51
CA SER A 403 -0.61 -9.23 -8.31
C SER A 403 0.29 -9.45 -7.10
N PHE A 404 -0.26 -9.28 -5.91
CA PHE A 404 0.45 -9.54 -4.68
C PHE A 404 0.69 -11.05 -4.62
N HIS A 405 -0.31 -11.81 -5.05
CA HIS A 405 -0.26 -13.27 -5.04
C HIS A 405 0.88 -13.84 -5.87
N THR A 406 1.13 -13.25 -7.02
CA THR A 406 2.21 -13.67 -7.91
C THR A 406 3.58 -13.42 -7.28
N VAL A 407 3.79 -12.20 -6.78
CA VAL A 407 5.06 -11.87 -6.16
C VAL A 407 5.31 -12.74 -4.95
N ALA A 408 4.25 -13.00 -4.18
CA ALA A 408 4.34 -13.81 -2.99
C ALA A 408 4.71 -15.25 -3.31
N HIS A 409 4.11 -15.82 -4.36
CA HIS A 409 4.43 -17.19 -4.74
C HIS A 409 5.94 -17.31 -5.00
N VAL A 410 6.52 -16.36 -5.72
CA VAL A 410 7.96 -16.38 -6.03
C VAL A 410 8.89 -16.15 -4.81
N MET A 411 8.52 -15.23 -3.93
CA MET A 411 9.33 -14.97 -2.73
C MET A 411 9.39 -16.22 -1.85
N GLU A 412 8.26 -16.90 -1.75
CA GLU A 412 8.14 -18.11 -0.95
C GLU A 412 8.93 -19.27 -1.52
N VAL A 413 8.96 -19.39 -2.83
CA VAL A 413 9.72 -20.47 -3.45
C VAL A 413 11.22 -20.19 -3.28
N ILE A 414 11.62 -18.93 -3.42
CA ILE A 414 13.05 -18.58 -3.27
C ILE A 414 13.49 -18.85 -1.86
N ASP A 415 12.62 -18.56 -0.91
CA ASP A 415 12.93 -18.77 0.50
C ASP A 415 13.07 -20.26 0.83
N ALA A 416 12.07 -21.05 0.45
CA ALA A 416 12.10 -22.49 0.72
C ALA A 416 13.36 -23.14 0.17
N ARG A 417 13.80 -22.69 -1.00
CA ARG A 417 15.00 -23.23 -1.65
C ARG A 417 16.29 -22.93 -0.91
N ARG A 418 16.28 -21.90 -0.07
CA ARG A 418 17.43 -21.52 0.73
C ARG A 418 17.70 -22.69 1.69
N SER A 419 16.63 -23.40 2.05
CA SER A 419 16.66 -24.55 2.97
C SER A 419 17.00 -25.92 2.33
N GLY A 420 17.08 -25.97 1.00
CA GLY A 420 17.38 -27.21 0.29
C GLY A 420 18.88 -27.45 0.18
PB ADP B . -1.01 0.97 -2.36
O1B ADP B . -1.96 2.11 -2.49
O2B ADP B . -1.41 -0.24 -3.16
O3B ADP B . -0.81 0.63 -0.89
PA ADP B . 1.64 0.40 -2.88
O1A ADP B . 2.81 1.19 -2.39
O2A ADP B . 1.36 -0.98 -2.30
O3A ADP B . 0.47 1.44 -2.87
O5' ADP B . 1.88 0.27 -4.43
C5' ADP B . 1.61 -0.89 -5.17
C4' ADP B . 1.96 -0.65 -6.63
O4' ADP B . 1.39 0.60 -7.06
C3' ADP B . 3.48 -0.43 -6.84
O3' ADP B . 4.24 -1.67 -6.80
C2' ADP B . 3.51 0.34 -8.13
O2' ADP B . 3.35 -0.68 -9.17
C1' ADP B . 2.25 1.24 -7.94
N9 ADP B . 2.45 2.64 -7.45
C8 ADP B . 2.85 2.95 -6.21
N7 ADP B . 2.91 4.26 -6.06
C5 ADP B . 2.52 4.87 -7.31
C6 ADP B . 2.36 6.17 -7.86
N6 ADP B . 2.58 7.46 -7.26
N1 ADP B . 1.97 6.26 -9.16
C2 ADP B . 1.70 5.22 -9.97
N3 ADP B . 1.84 4.01 -9.47
C4 ADP B . 2.23 3.82 -8.18
S SO4 C . -3.92 -1.39 -2.04
O1 SO4 C . -5.04 -2.14 -1.39
O2 SO4 C . -3.10 -0.84 -1.01
O3 SO4 C . -4.49 -0.35 -2.85
O4 SO4 C . -3.18 -2.36 -2.83
MG MG D . -1.57 -1.14 0.33
MG MG E . -6.72 -0.54 -3.53
#